data_3PX9
#
_entry.id   3PX9
#
_cell.length_a   42.444
_cell.length_b   67.328
_cell.length_c   49.462
_cell.angle_alpha   90.000
_cell.angle_beta   112.520
_cell.angle_gamma   90.000
#
_symmetry.space_group_name_H-M   'P 1 21 1'
#
loop_
_entity.id
_entity.type
_entity.pdbx_description
1 polymer Preproricin
2 non-polymer 2-amino-N-(furan-2-ylmethyl)-4-oxo-3,4-dihydropteridine-7-carboxamide
3 water water
#
_entity_poly.entity_id   1
_entity_poly.type   'polypeptide(L)'
_entity_poly.pdbx_seq_one_letter_code
;KQYPIINFTTAGATVQSYTNFIRAVRGRLTTGADVRHEIPVLPNRVGLPINQRFILVELSNHAELSVTLALDVTNAYVVG
YRAGNSAYFFHPDNQEDAEAITHLFTDVQNRYTFAFGGNYDRLEQLAGNLRENIELGNGPLEEAISALYYYSTGGTQLPT
LARSFIICIQMISEAARFQYIEGEMRTRIRYNRRSAPDPSVITLENSWGRLSTAIQESNQGAFASPIQLQRRNGSKFSVY
DVSILIPIIALMVYRCAP
;
_entity_poly.pdbx_strand_id   X
#
# COMPACT_ATOMS: atom_id res chain seq x y z
N LYS A 1 18.47 17.49 0.07
CA LYS A 1 17.06 17.21 0.49
C LYS A 1 16.24 16.78 -0.73
N GLN A 2 15.49 15.70 -0.49
CA GLN A 2 14.72 14.93 -1.50
C GLN A 2 13.58 14.18 -0.75
N TYR A 3 12.77 13.38 -1.42
CA TYR A 3 11.56 12.88 -0.75
C TYR A 3 11.78 12.23 0.63
N PRO A 4 10.84 12.47 1.57
CA PRO A 4 10.82 11.90 2.93
C PRO A 4 10.94 10.37 2.91
N ILE A 5 11.76 9.84 3.80
CA ILE A 5 12.08 8.44 3.84
C ILE A 5 11.63 7.89 5.18
N ILE A 6 10.89 6.79 5.15
CA ILE A 6 10.51 6.08 6.37
C ILE A 6 11.13 4.67 6.30
N ASN A 7 11.77 4.27 7.40
CA ASN A 7 12.48 2.98 7.49
C ASN A 7 11.73 1.90 8.24
N PHE A 8 11.74 0.67 7.74
CA PHE A 8 11.31 -0.47 8.52
C PHE A 8 12.28 -1.64 8.30
N THR A 9 12.54 -2.42 9.36
CA THR A 9 13.23 -3.68 9.19
C THR A 9 12.44 -4.86 9.74
N THR A 10 12.50 -5.97 9.03
CA THR A 10 11.92 -7.23 9.48
C THR A 10 12.80 -7.97 10.59
N ALA A 11 14.04 -7.57 10.70
CA ALA A 11 14.98 -8.18 11.67
C ALA A 11 14.55 -7.80 13.06
N GLY A 12 14.05 -8.72 13.84
CA GLY A 12 13.65 -8.34 15.22
C GLY A 12 12.31 -7.60 15.32
N ALA A 13 11.54 -7.60 14.21
CA ALA A 13 10.33 -6.76 14.16
C ALA A 13 9.38 -7.22 15.19
N THR A 14 8.71 -6.26 15.78
CA THR A 14 7.69 -6.51 16.77
C THR A 14 6.37 -5.76 16.39
N VAL A 15 5.23 -6.08 16.99
CA VAL A 15 4.05 -5.27 16.77
C VAL A 15 4.25 -3.81 17.04
N GLN A 16 5.14 -3.44 17.96
CA GLN A 16 5.36 -2.02 18.17
C GLN A 16 6.21 -1.41 17.10
N SER A 17 7.22 -2.11 16.58
CA SER A 17 8.07 -1.52 15.58
C SER A 17 7.25 -1.39 14.25
N TYR A 18 6.34 -2.31 14.04
CA TYR A 18 5.51 -2.31 12.80
C TYR A 18 4.44 -1.18 12.91
N THR A 19 3.82 -1.04 14.06
CA THR A 19 2.87 0.04 14.30
C THR A 19 3.50 1.39 14.18
N ASN A 20 4.72 1.56 14.71
CA ASN A 20 5.43 2.81 14.64
C ASN A 20 5.66 3.17 13.15
N PHE A 21 6.01 2.16 12.39
CA PHE A 21 6.29 2.31 11.00
C PHE A 21 5.02 2.76 10.26
N ILE A 22 3.96 2.00 10.38
CA ILE A 22 2.72 2.33 9.66
C ILE A 22 2.20 3.73 10.10
N ARG A 23 2.33 4.06 11.38
CA ARG A 23 1.96 5.38 11.87
C ARG A 23 2.76 6.51 11.24
N ALA A 24 4.04 6.31 11.08
CA ALA A 24 4.89 7.29 10.45
C ALA A 24 4.54 7.37 8.94
N VAL A 25 4.20 6.22 8.34
CA VAL A 25 3.84 6.24 6.89
C VAL A 25 2.63 7.13 6.69
N ARG A 26 1.57 6.89 7.46
CA ARG A 26 0.38 7.74 7.43
C ARG A 26 0.71 9.25 7.62
N GLY A 27 1.62 9.54 8.55
CA GLY A 27 2.03 10.92 8.83
C GLY A 27 2.75 11.57 7.68
N ARG A 28 3.44 10.78 6.86
CA ARG A 28 4.05 11.34 5.67
C ARG A 28 3.09 11.37 4.50
N LEU A 29 2.06 10.54 4.49
CA LEU A 29 1.16 10.55 3.36
C LEU A 29 0.30 11.79 3.41
N THR A 30 -0.06 12.22 4.60
CA THR A 30 -0.90 13.37 4.65
C THR A 30 -0.61 14.26 5.83
N THR A 31 -0.90 15.54 5.65
CA THR A 31 -0.69 16.53 6.70
C THR A 31 -1.75 16.32 7.77
N GLY A 32 -2.86 15.71 7.35
CA GLY A 32 -3.98 15.41 8.23
C GLY A 32 -4.97 16.56 8.38
N ALA A 33 -4.71 17.68 7.69
CA ALA A 33 -5.58 18.86 7.85
C ALA A 33 -6.80 18.93 6.87
N ASP A 34 -7.02 17.89 6.08
CA ASP A 34 -8.28 17.69 5.47
C ASP A 34 -8.87 16.38 5.99
N VAL A 35 -9.94 16.50 6.78
CA VAL A 35 -10.57 15.39 7.42
C VAL A 35 -12.05 15.48 7.17
N ARG A 36 -12.70 14.38 6.77
CA ARG A 36 -14.16 14.38 6.68
C ARG A 36 -14.72 13.29 7.55
N HIS A 37 -15.76 13.62 8.32
CA HIS A 37 -16.41 12.69 9.25
C HIS A 37 -15.33 11.95 10.10
N GLU A 38 -14.28 12.69 10.46
CA GLU A 38 -13.22 12.14 11.32
C GLU A 38 -12.16 11.33 10.59
N ILE A 39 -12.31 11.13 9.28
CA ILE A 39 -11.31 10.34 8.53
C ILE A 39 -10.41 11.21 7.64
N PRO A 40 -9.10 11.07 7.76
CA PRO A 40 -8.21 11.88 7.00
C PRO A 40 -8.31 11.58 5.49
N VAL A 41 -8.14 12.62 4.64
CA VAL A 41 -8.15 12.50 3.15
C VAL A 41 -6.73 12.77 2.70
N LEU A 42 -6.26 12.02 1.72
CA LEU A 42 -4.93 12.28 1.15
C LEU A 42 -4.99 13.50 0.24
N PRO A 43 -3.85 14.12 -0.04
CA PRO A 43 -3.82 15.32 -0.88
C PRO A 43 -4.40 15.04 -2.24
N ASN A 44 -5.10 16.04 -2.72
CA ASN A 44 -5.73 16.03 -4.00
C ASN A 44 -4.59 15.98 -5.05
N ARG A 45 -4.70 15.16 -6.07
CA ARG A 45 -3.62 15.12 -7.05
C ARG A 45 -3.63 16.36 -7.95
N VAL A 46 -4.82 16.88 -8.18
CA VAL A 46 -4.98 18.08 -9.03
C VAL A 46 -4.24 19.25 -8.42
N GLY A 47 -3.14 19.67 -9.04
CA GLY A 47 -2.36 20.81 -8.57
C GLY A 47 -1.36 20.56 -7.47
N LEU A 48 -0.98 19.30 -7.22
CA LEU A 48 -0.01 19.04 -6.16
C LEU A 48 1.38 19.16 -6.75
N PRO A 49 2.25 19.89 -6.09
CA PRO A 49 3.53 20.05 -6.76
C PRO A 49 4.29 18.74 -6.75
N ILE A 50 5.09 18.52 -7.79
CA ILE A 50 5.83 17.28 -7.96
C ILE A 50 6.64 17.05 -6.71
N ASN A 51 7.11 18.14 -6.12
CA ASN A 51 8.07 17.99 -5.03
C ASN A 51 7.36 17.48 -3.77
N GLN A 52 6.06 17.34 -3.83
CA GLN A 52 5.33 16.81 -2.68
C GLN A 52 4.60 15.53 -3.03
N ARG A 53 4.92 14.95 -4.20
CA ARG A 53 4.03 13.92 -4.75
C ARG A 53 4.22 12.53 -4.15
N PHE A 54 5.43 12.29 -3.65
CA PHE A 54 5.92 10.92 -3.35
C PHE A 54 6.54 10.80 -2.00
N ILE A 55 6.50 9.58 -1.44
CA ILE A 55 7.26 9.28 -0.24
C ILE A 55 8.04 7.96 -0.49
N LEU A 56 9.12 7.83 0.25
CA LEU A 56 9.95 6.66 0.07
C LEU A 56 9.85 5.79 1.31
N VAL A 57 9.82 4.47 1.11
CA VAL A 57 9.77 3.52 2.20
C VAL A 57 10.89 2.51 2.10
N GLU A 58 11.86 2.62 3.01
CA GLU A 58 13.07 1.79 2.96
C GLU A 58 12.88 0.57 3.75
N LEU A 59 12.99 -0.57 3.07
CA LEU A 59 12.74 -1.86 3.67
C LEU A 59 14.06 -2.66 3.81
N SER A 60 14.37 -3.04 5.05
CA SER A 60 15.54 -3.93 5.30
C SER A 60 15.14 -5.25 5.97
N ASN A 61 15.95 -6.28 5.76
CA ASN A 61 15.70 -7.54 6.47
C ASN A 61 16.98 -8.09 7.11
N HIS A 62 16.84 -9.22 7.81
CA HIS A 62 17.90 -9.83 8.56
C HIS A 62 19.06 -10.19 7.63
N ALA A 63 18.80 -10.53 6.35
CA ALA A 63 19.92 -10.80 5.45
C ALA A 63 20.66 -9.52 5.13
N GLU A 64 20.25 -8.43 5.77
CA GLU A 64 20.79 -7.07 5.49
C GLU A 64 20.70 -6.57 4.01
N LEU A 65 19.70 -7.05 3.29
CA LEU A 65 19.35 -6.54 2.00
C LEU A 65 18.45 -5.38 2.25
N SER A 66 18.46 -4.43 1.32
CA SER A 66 17.58 -3.31 1.48
C SER A 66 16.99 -2.88 0.13
N VAL A 67 15.71 -2.54 0.15
CA VAL A 67 15.06 -1.93 -0.99
C VAL A 67 14.21 -0.75 -0.61
N THR A 68 13.91 0.08 -1.59
CA THR A 68 13.13 1.29 -1.30
C THR A 68 11.96 1.43 -2.21
N LEU A 69 10.77 1.42 -1.64
CA LEU A 69 9.56 1.56 -2.42
C LEU A 69 9.31 3.03 -2.52
N ALA A 70 8.64 3.44 -3.60
CA ALA A 70 8.15 4.85 -3.77
C ALA A 70 6.63 4.83 -3.77
N LEU A 71 6.01 5.62 -2.89
CA LEU A 71 4.57 5.63 -2.79
C LEU A 71 4.04 7.02 -3.17
N ASP A 72 2.96 7.01 -3.93
CA ASP A 72 2.28 8.24 -4.38
C ASP A 72 1.38 8.69 -3.25
N VAL A 73 1.59 9.91 -2.73
CA VAL A 73 0.84 10.34 -1.56
C VAL A 73 -0.67 10.45 -1.83
N THR A 74 -1.05 10.58 -3.11
CA THR A 74 -2.41 10.88 -3.46
C THR A 74 -3.26 9.64 -3.26
N ASN A 75 -2.62 8.45 -3.27
CA ASN A 75 -3.44 7.24 -3.13
C ASN A 75 -2.76 6.06 -2.40
N ALA A 76 -1.60 6.33 -1.89
CA ALA A 76 -0.69 5.39 -1.24
C ALA A 76 -0.20 4.27 -2.16
N TYR A 77 -0.39 4.40 -3.50
CA TYR A 77 0.08 3.35 -4.44
C TYR A 77 1.59 3.21 -4.46
N VAL A 78 2.05 1.96 -4.47
CA VAL A 78 3.44 1.69 -4.76
C VAL A 78 3.63 1.82 -6.26
N VAL A 79 4.50 2.74 -6.64
CA VAL A 79 4.66 3.04 -8.07
C VAL A 79 5.92 2.46 -8.66
N GLY A 80 6.86 2.10 -7.80
CA GLY A 80 8.10 1.47 -8.20
C GLY A 80 9.02 1.33 -7.02
N TYR A 81 10.23 0.87 -7.32
CA TYR A 81 11.22 0.73 -6.28
C TYR A 81 12.64 0.76 -6.77
N ARG A 82 13.55 0.84 -5.80
CA ARG A 82 14.98 0.85 -6.08
C ARG A 82 15.64 -0.23 -5.27
N ALA A 83 16.55 -0.92 -5.92
CA ALA A 83 17.39 -1.88 -5.23
C ALA A 83 18.80 -1.65 -5.74
N GLY A 84 19.68 -1.20 -4.85
CA GLY A 84 21.06 -0.89 -5.17
C GLY A 84 21.12 0.14 -6.26
N ASN A 85 21.55 -0.31 -7.42
CA ASN A 85 21.91 0.55 -8.54
C ASN A 85 20.88 0.54 -9.67
N SER A 86 19.73 -0.15 -9.46
CA SER A 86 18.65 -0.12 -10.41
C SER A 86 17.34 0.30 -9.72
N ALA A 87 16.41 0.80 -10.53
CA ALA A 87 15.08 1.23 -10.08
C ALA A 87 14.13 0.78 -11.18
N TYR A 88 12.95 0.33 -10.79
CA TYR A 88 11.95 -0.21 -11.70
C TYR A 88 10.57 0.38 -11.35
N PHE A 89 9.76 0.67 -12.37
CA PHE A 89 8.49 1.35 -12.15
C PHE A 89 7.43 0.58 -12.86
N PHE A 90 6.27 0.50 -12.25
CA PHE A 90 5.15 -0.04 -13.01
C PHE A 90 4.80 0.86 -14.20
N HIS A 91 4.20 0.24 -15.20
CA HIS A 91 3.77 1.03 -16.36
C HIS A 91 2.68 2.00 -15.95
N PRO A 92 2.89 3.28 -16.17
CA PRO A 92 1.90 4.25 -15.72
C PRO A 92 0.65 4.25 -16.58
N ASP A 93 -0.44 4.70 -15.95
CA ASP A 93 -1.80 4.74 -16.50
C ASP A 93 -2.02 5.91 -17.40
N ASN A 94 -1.28 6.97 -17.13
CA ASN A 94 -1.38 8.16 -17.95
C ASN A 94 -0.08 8.90 -18.05
N GLN A 95 -0.05 9.87 -18.96
CA GLN A 95 1.15 10.59 -19.33
C GLN A 95 1.52 11.55 -18.23
N GLU A 96 0.54 12.01 -17.47
CA GLU A 96 0.89 12.86 -16.35
C GLU A 96 1.70 12.00 -15.35
N ASP A 97 1.15 10.82 -15.02
CA ASP A 97 1.84 9.92 -14.07
C ASP A 97 3.21 9.55 -14.58
N ALA A 98 3.30 9.23 -15.87
CA ALA A 98 4.57 8.87 -16.50
C ALA A 98 5.55 9.99 -16.29
N GLU A 99 4.99 11.20 -16.29
CA GLU A 99 5.87 12.30 -16.19
C GLU A 99 6.35 12.42 -14.76
N ALA A 100 5.43 12.26 -13.81
CA ALA A 100 5.80 12.43 -12.38
C ALA A 100 6.94 11.50 -11.96
N ILE A 101 6.91 10.26 -12.40
CA ILE A 101 7.87 9.26 -11.89
C ILE A 101 9.30 9.55 -12.32
N THR A 102 9.47 10.43 -13.32
CA THR A 102 10.81 10.84 -13.79
C THR A 102 11.53 11.54 -12.68
N HIS A 103 10.78 11.99 -11.70
CA HIS A 103 11.41 12.66 -10.61
C HIS A 103 11.88 11.71 -9.48
N LEU A 104 11.63 10.41 -9.56
CA LEU A 104 12.08 9.48 -8.49
C LEU A 104 13.41 8.80 -8.78
N PHE A 105 14.28 8.68 -7.79
CA PHE A 105 15.41 7.82 -7.89
C PHE A 105 16.34 8.30 -9.05
N THR A 106 16.51 9.63 -9.15
CA THR A 106 17.20 10.24 -10.28
C THR A 106 18.69 9.91 -10.31
N ASP A 107 19.27 9.61 -9.18
CA ASP A 107 20.67 9.30 -9.16
C ASP A 107 20.99 7.82 -9.40
N VAL A 108 20.03 6.99 -9.77
CA VAL A 108 20.29 5.55 -9.86
C VAL A 108 20.80 5.28 -11.25
N GLN A 109 21.74 4.34 -11.38
CA GLN A 109 22.44 4.14 -12.63
C GLN A 109 21.57 3.58 -13.72
N ASN A 110 20.61 2.73 -13.32
CA ASN A 110 19.75 2.01 -14.25
C ASN A 110 18.25 2.20 -13.91
N ARG A 111 17.44 2.67 -14.87
CA ARG A 111 16.03 2.89 -14.60
C ARG A 111 15.26 2.23 -15.64
N TYR A 112 14.15 1.58 -15.23
CA TYR A 112 13.27 0.87 -16.16
C TYR A 112 11.81 1.04 -15.79
N THR A 113 10.97 0.95 -16.81
CA THR A 113 9.55 0.83 -16.63
C THR A 113 9.15 -0.52 -17.12
N PHE A 114 8.46 -1.26 -16.25
CA PHE A 114 7.91 -2.56 -16.59
C PHE A 114 6.92 -2.32 -17.72
N ALA A 115 6.67 -3.34 -18.53
CA ALA A 115 5.64 -3.28 -19.57
C ALA A 115 4.23 -3.44 -18.91
N PHE A 116 4.19 -4.03 -17.70
CA PHE A 116 2.90 -4.29 -17.01
C PHE A 116 2.63 -3.20 -15.96
N GLY A 117 1.35 -2.95 -15.73
CA GLY A 117 0.91 -2.06 -14.66
C GLY A 117 0.97 -2.69 -13.27
N GLY A 118 0.78 -1.86 -12.22
CA GLY A 118 0.87 -2.35 -10.81
C GLY A 118 -0.41 -2.73 -10.01
N ASN A 119 -1.60 -2.75 -10.66
CA ASN A 119 -2.84 -3.16 -9.97
C ASN A 119 -2.83 -4.64 -9.56
N TYR A 120 -3.61 -5.01 -8.53
CA TYR A 120 -3.63 -6.40 -8.07
C TYR A 120 -3.99 -7.35 -9.22
N ASP A 121 -4.89 -6.97 -10.12
CA ASP A 121 -5.32 -7.89 -11.15
C ASP A 121 -4.19 -8.35 -12.03
N ARG A 122 -3.41 -7.39 -12.46
CA ARG A 122 -2.22 -7.66 -13.28
C ARG A 122 -1.13 -8.44 -12.52
N LEU A 123 -0.87 -8.05 -11.25
CA LEU A 123 0.11 -8.71 -10.44
C LEU A 123 -0.28 -10.19 -10.12
N GLU A 124 -1.59 -10.43 -9.91
CA GLU A 124 -2.07 -11.77 -9.65
C GLU A 124 -1.84 -12.68 -10.83
N GLN A 125 -2.12 -12.15 -12.01
CA GLN A 125 -1.95 -12.82 -13.28
C GLN A 125 -0.48 -13.16 -13.41
N LEU A 126 0.35 -12.16 -13.21
CA LEU A 126 1.80 -12.33 -13.27
C LEU A 126 2.28 -13.33 -12.24
N ALA A 127 1.80 -13.21 -11.00
CA ALA A 127 2.20 -14.16 -10.00
C ALA A 127 1.59 -15.52 -10.30
N GLY A 128 0.52 -15.57 -11.07
CA GLY A 128 -0.25 -16.81 -11.23
C GLY A 128 -0.89 -17.29 -9.93
N ASN A 129 -1.12 -16.36 -8.98
CA ASN A 129 -1.79 -16.66 -7.73
C ASN A 129 -2.64 -15.45 -7.34
N LEU A 130 -3.70 -15.72 -6.57
CA LEU A 130 -4.58 -14.67 -6.09
C LEU A 130 -4.14 -14.24 -4.68
N ARG A 131 -4.47 -13.00 -4.30
CA ARG A 131 -4.19 -12.58 -2.98
C ARG A 131 -4.73 -13.58 -1.95
N GLU A 132 -5.83 -14.27 -2.22
CA GLU A 132 -6.36 -15.19 -1.20
C GLU A 132 -5.44 -16.39 -0.98
N ASN A 133 -4.52 -16.60 -1.90
CA ASN A 133 -3.60 -17.71 -1.78
C ASN A 133 -2.20 -17.27 -1.52
N ILE A 134 -1.98 -16.00 -1.21
CA ILE A 134 -0.62 -15.54 -0.97
C ILE A 134 -0.45 -15.15 0.47
N GLU A 135 0.48 -15.83 1.14
CA GLU A 135 0.69 -15.60 2.57
C GLU A 135 1.34 -14.28 2.94
N LEU A 136 0.86 -13.69 4.05
CA LEU A 136 1.36 -12.43 4.63
C LEU A 136 1.87 -12.66 6.03
N GLY A 137 2.77 -11.79 6.44
CA GLY A 137 3.45 -11.77 7.71
C GLY A 137 4.90 -11.33 7.60
N ASN A 138 5.67 -11.46 8.69
CA ASN A 138 7.03 -10.96 8.67
C ASN A 138 7.90 -11.86 7.77
N GLY A 139 7.57 -13.16 7.74
CA GLY A 139 8.31 -14.15 6.91
C GLY A 139 8.12 -13.83 5.43
N PRO A 140 6.88 -13.73 5.01
CA PRO A 140 6.71 -13.32 3.62
C PRO A 140 7.37 -11.98 3.26
N LEU A 141 7.34 -11.05 4.19
CA LEU A 141 7.83 -9.69 3.92
C LEU A 141 9.35 -9.75 3.75
N GLU A 142 10.05 -10.47 4.66
CA GLU A 142 11.52 -10.59 4.54
C GLU A 142 11.88 -11.29 3.24
N GLU A 143 11.09 -12.28 2.86
CA GLU A 143 11.29 -12.99 1.61
C GLU A 143 11.04 -12.10 0.39
N ALA A 144 10.05 -11.22 0.49
CA ALA A 144 9.71 -10.34 -0.63
C ALA A 144 10.81 -9.27 -0.81
N ILE A 145 11.41 -8.80 0.28
CA ILE A 145 12.54 -7.86 0.23
C ILE A 145 13.76 -8.45 -0.50
N SER A 146 14.11 -9.70 -0.18
CA SER A 146 15.16 -10.34 -0.90
C SER A 146 14.84 -10.54 -2.34
N ALA A 147 13.59 -10.91 -2.66
CA ALA A 147 13.20 -11.21 -4.03
C ALA A 147 13.31 -9.93 -4.90
N LEU A 148 12.84 -8.83 -4.33
CA LEU A 148 12.91 -7.53 -4.97
C LEU A 148 14.38 -7.11 -5.14
N TYR A 149 15.20 -7.31 -4.11
CA TYR A 149 16.59 -6.92 -4.19
C TYR A 149 17.31 -7.68 -5.31
N TYR A 150 17.02 -8.97 -5.37
CA TYR A 150 17.68 -9.83 -6.33
C TYR A 150 17.26 -9.69 -7.70
N TYR A 151 16.15 -8.99 -7.96
CA TYR A 151 15.64 -8.84 -9.30
C TYR A 151 16.60 -8.28 -10.38
N SER A 152 17.43 -7.31 -10.06
CA SER A 152 18.34 -6.78 -11.12
C SER A 152 19.34 -7.83 -11.58
N THR A 153 19.86 -8.57 -10.59
CA THR A 153 21.01 -9.46 -10.78
C THR A 153 20.54 -10.55 -11.73
N GLY A 154 19.23 -10.57 -12.00
CA GLY A 154 18.63 -11.67 -12.74
C GLY A 154 18.24 -12.84 -11.85
N GLY A 155 18.42 -12.71 -10.55
CA GLY A 155 18.12 -13.81 -9.59
C GLY A 155 16.65 -14.20 -9.39
N THR A 156 15.70 -13.38 -9.86
CA THR A 156 14.25 -13.53 -9.48
C THR A 156 13.31 -13.55 -10.67
N GLN A 157 12.60 -14.64 -10.83
CA GLN A 157 11.64 -14.81 -11.87
C GLN A 157 10.49 -13.79 -11.63
N LEU A 158 9.86 -13.39 -12.73
CA LEU A 158 8.78 -12.41 -12.66
C LEU A 158 7.59 -12.73 -11.74
N PRO A 159 7.11 -13.98 -11.75
CA PRO A 159 6.02 -14.41 -10.86
C PRO A 159 6.32 -14.19 -9.41
N THR A 160 7.54 -14.50 -9.02
CA THR A 160 8.00 -14.22 -7.67
C THR A 160 8.14 -12.73 -7.32
N LEU A 161 8.60 -11.96 -8.29
CA LEU A 161 8.66 -10.51 -8.14
C LEU A 161 7.25 -9.99 -7.93
N ALA A 162 6.28 -10.49 -8.72
CA ALA A 162 4.91 -10.04 -8.60
C ALA A 162 4.27 -10.44 -7.25
N ARG A 163 4.44 -11.69 -6.83
CA ARG A 163 4.10 -12.07 -5.45
C ARG A 163 4.71 -11.14 -4.40
N SER A 164 5.98 -10.78 -4.56
CA SER A 164 6.63 -9.97 -3.60
C SER A 164 5.98 -8.57 -3.61
N PHE A 165 5.58 -8.08 -4.76
CA PHE A 165 4.89 -6.78 -4.75
C PHE A 165 3.57 -6.85 -3.95
N ILE A 166 2.79 -7.84 -4.26
CA ILE A 166 1.47 -8.08 -3.62
C ILE A 166 1.64 -8.15 -2.10
N ILE A 167 2.72 -8.75 -1.63
CA ILE A 167 3.00 -8.75 -0.18
C ILE A 167 3.28 -7.34 0.36
N CYS A 168 4.20 -6.65 -0.26
CA CYS A 168 4.59 -5.34 0.18
C CYS A 168 3.42 -4.38 0.18
N ILE A 169 2.64 -4.45 -0.89
CA ILE A 169 1.51 -3.53 -1.09
C ILE A 169 0.54 -3.70 0.09
N GLN A 170 0.23 -4.94 0.42
CA GLN A 170 -0.73 -5.17 1.46
C GLN A 170 -0.20 -4.82 2.85
N MET A 171 1.07 -5.11 3.09
CA MET A 171 1.61 -4.85 4.43
C MET A 171 1.98 -3.44 4.74
N ILE A 172 2.07 -2.64 3.68
CA ILE A 172 2.45 -1.24 3.75
C ILE A 172 1.30 -0.33 3.35
N SER A 173 0.96 -0.28 2.06
CA SER A 173 -0.16 0.58 1.65
C SER A 173 -1.54 0.27 2.24
N GLU A 174 -1.95 -0.98 2.18
CA GLU A 174 -3.21 -1.37 2.75
C GLU A 174 -3.26 -1.21 4.26
N ALA A 175 -2.15 -1.49 4.96
CA ALA A 175 -2.13 -1.31 6.38
C ALA A 175 -2.25 0.19 6.69
N ALA A 176 -1.59 1.02 5.89
CA ALA A 176 -1.72 2.47 6.07
C ALA A 176 -3.17 2.96 5.85
N ARG A 177 -3.82 2.40 4.82
CA ARG A 177 -5.20 2.75 4.50
C ARG A 177 -6.18 2.34 5.54
N PHE A 178 -5.98 1.15 6.12
CA PHE A 178 -6.93 0.56 7.07
C PHE A 178 -6.27 0.06 8.39
N GLN A 179 -6.68 0.62 9.52
CA GLN A 179 -6.26 0.16 10.86
C GLN A 179 -6.57 -1.31 10.99
N TYR A 180 -7.62 -1.77 10.31
CA TYR A 180 -8.05 -3.15 10.41
C TYR A 180 -7.00 -4.07 9.81
N ILE A 181 -6.41 -3.62 8.72
CA ILE A 181 -5.43 -4.39 7.99
C ILE A 181 -4.10 -4.28 8.73
N GLU A 182 -3.77 -3.10 9.29
CA GLU A 182 -2.61 -2.97 10.18
C GLU A 182 -2.68 -4.03 11.34
N GLY A 183 -3.81 -4.06 12.04
CA GLY A 183 -4.11 -5.07 13.11
C GLY A 183 -3.93 -6.50 12.61
N GLU A 184 -4.45 -6.80 11.41
CA GLU A 184 -4.22 -8.10 10.78
C GLU A 184 -2.72 -8.41 10.63
N MET A 185 -1.90 -7.42 10.33
CA MET A 185 -0.48 -7.69 10.22
C MET A 185 0.22 -7.83 11.58
N ARG A 186 -0.21 -7.02 12.53
CA ARG A 186 0.23 -7.08 13.89
C ARG A 186 -0.01 -8.47 14.43
N THR A 187 -1.17 -9.05 14.16
CA THR A 187 -1.44 -10.40 14.63
C THR A 187 -0.49 -11.41 14.04
N ARG A 188 -0.21 -11.31 12.75
CA ARG A 188 0.70 -12.29 12.16
C ARG A 188 2.11 -12.13 12.79
N ILE A 189 2.48 -10.90 13.01
CA ILE A 189 3.79 -10.62 13.59
C ILE A 189 3.83 -11.14 15.05
N ARG A 190 2.80 -10.79 15.80
CA ARG A 190 2.75 -11.22 17.19
C ARG A 190 2.93 -12.71 17.38
N TYR A 191 2.27 -13.52 16.57
CA TYR A 191 2.32 -14.95 16.74
C TYR A 191 3.32 -15.60 15.76
N ASN A 192 4.13 -14.78 15.10
CA ASN A 192 5.03 -15.26 14.07
C ASN A 192 4.39 -16.26 13.15
N ARG A 193 3.16 -15.98 12.72
CA ARG A 193 2.53 -16.79 11.71
C ARG A 193 2.54 -16.10 10.35
N ARG A 194 2.37 -16.91 9.33
CA ARG A 194 2.14 -16.44 8.01
C ARG A 194 0.82 -17.02 7.47
N SER A 195 -0.04 -16.15 6.96
CA SER A 195 -1.29 -16.64 6.43
C SER A 195 -1.83 -15.66 5.44
N ALA A 196 -2.54 -16.21 4.49
CA ALA A 196 -3.27 -15.46 3.49
C ALA A 196 -4.32 -14.58 4.12
N PRO A 197 -4.52 -13.41 3.54
CA PRO A 197 -5.59 -12.59 4.01
C PRO A 197 -6.97 -13.22 3.74
N ASP A 198 -7.88 -13.11 4.71
CA ASP A 198 -9.21 -13.68 4.59
C ASP A 198 -10.16 -12.68 3.85
N PRO A 199 -11.41 -13.11 3.57
CA PRO A 199 -12.29 -12.28 2.78
C PRO A 199 -12.56 -10.89 3.37
N SER A 200 -12.44 -10.76 4.69
CA SER A 200 -12.66 -9.45 5.25
C SER A 200 -11.57 -8.50 4.75
N VAL A 201 -10.32 -8.97 4.75
CA VAL A 201 -9.22 -8.10 4.33
C VAL A 201 -9.36 -7.80 2.81
N ILE A 202 -9.52 -8.84 2.01
CA ILE A 202 -9.59 -8.66 0.57
C ILE A 202 -10.72 -7.74 0.16
N THR A 203 -11.89 -7.84 0.78
CA THR A 203 -13.02 -7.00 0.37
C THR A 203 -12.84 -5.56 0.83
N LEU A 204 -12.10 -5.34 1.93
CA LEU A 204 -11.81 -3.97 2.29
C LEU A 204 -10.88 -3.36 1.28
N GLU A 205 -9.83 -4.09 0.95
CA GLU A 205 -8.88 -3.64 -0.10
C GLU A 205 -9.57 -3.24 -1.39
N ASN A 206 -10.45 -4.10 -1.84
CA ASN A 206 -11.19 -3.91 -3.08
C ASN A 206 -12.16 -2.74 -3.02
N SER A 207 -12.60 -2.43 -1.80
CA SER A 207 -13.62 -1.40 -1.55
C SER A 207 -13.10 -0.08 -1.13
N TRP A 208 -11.77 0.14 -1.13
CA TRP A 208 -11.22 1.37 -0.63
C TRP A 208 -11.71 2.60 -1.39
N GLY A 209 -11.70 2.53 -2.71
CA GLY A 209 -12.18 3.71 -3.48
C GLY A 209 -13.66 3.94 -3.27
N ARG A 210 -14.41 2.89 -3.24
CA ARG A 210 -15.83 2.95 -3.00
C ARG A 210 -16.21 3.52 -1.64
N LEU A 211 -15.51 3.06 -0.60
CA LEU A 211 -15.64 3.67 0.74
C LEU A 211 -15.25 5.11 0.76
N SER A 212 -14.18 5.49 0.09
CA SER A 212 -13.77 6.88 0.10
C SER A 212 -14.90 7.75 -0.46
N THR A 213 -15.49 7.29 -1.56
CA THR A 213 -16.64 7.97 -2.18
C THR A 213 -17.88 8.00 -1.31
N ALA A 214 -18.32 6.84 -0.84
CA ALA A 214 -19.47 6.78 0.03
C ALA A 214 -19.35 7.75 1.24
N ILE A 215 -18.21 7.69 1.93
CA ILE A 215 -18.06 8.55 3.11
C ILE A 215 -18.06 10.03 2.66
N GLN A 216 -17.37 10.30 1.57
CA GLN A 216 -17.28 11.69 1.14
C GLN A 216 -18.58 12.28 0.53
N GLU A 217 -19.44 11.41 0.00
CA GLU A 217 -20.78 11.79 -0.52
C GLU A 217 -21.87 11.67 0.51
N SER A 218 -21.51 11.35 1.74
CA SER A 218 -22.50 10.90 2.67
C SER A 218 -23.18 12.17 3.16
N ASN A 219 -24.39 11.94 3.63
CA ASN A 219 -25.13 13.00 4.25
C ASN A 219 -24.76 13.02 5.75
N GLN A 220 -23.69 13.74 6.12
CA GLN A 220 -23.28 13.82 7.54
C GLN A 220 -22.96 12.40 8.06
N GLY A 221 -22.31 11.62 7.21
CA GLY A 221 -21.89 10.28 7.57
C GLY A 221 -22.78 9.15 7.13
N ALA A 222 -24.05 9.42 6.84
CA ALA A 222 -25.01 8.40 6.40
C ALA A 222 -24.86 8.16 4.92
N PHE A 223 -24.55 6.95 4.50
CA PHE A 223 -24.24 6.73 3.09
C PHE A 223 -25.52 6.86 2.24
N ALA A 224 -25.37 7.34 1.03
CA ALA A 224 -26.55 7.50 0.15
C ALA A 224 -27.10 6.20 -0.32
N SER A 225 -26.27 5.17 -0.28
CA SER A 225 -26.72 3.81 -0.51
C SER A 225 -25.79 2.89 0.21
N PRO A 226 -26.21 1.68 0.54
CA PRO A 226 -25.30 0.84 1.38
C PRO A 226 -24.13 0.22 0.65
N ILE A 227 -23.03 0.00 1.36
CA ILE A 227 -21.86 -0.67 0.85
C ILE A 227 -21.75 -2.10 1.44
N GLN A 228 -21.67 -3.10 0.56
CA GLN A 228 -21.52 -4.48 0.99
C GLN A 228 -20.03 -4.84 1.20
N LEU A 229 -19.71 -5.35 2.37
CA LEU A 229 -18.40 -5.91 2.68
C LEU A 229 -18.55 -7.41 3.00
N GLN A 230 -17.42 -8.04 3.35
CA GLN A 230 -17.42 -9.44 3.67
C GLN A 230 -16.84 -9.63 5.04
N ARG A 231 -17.48 -10.50 5.82
CA ARG A 231 -16.94 -10.96 7.08
C ARG A 231 -15.77 -11.97 6.86
N ARG A 232 -15.07 -12.29 7.93
CA ARG A 232 -14.02 -13.30 7.89
C ARG A 232 -14.46 -14.61 7.23
N ASN A 233 -15.71 -15.00 7.44
CA ASN A 233 -16.21 -16.23 6.90
C ASN A 233 -16.81 -16.10 5.55
N GLY A 234 -16.69 -14.94 4.92
CA GLY A 234 -17.06 -14.79 3.50
C GLY A 234 -18.51 -14.31 3.28
N SER A 235 -19.29 -14.24 4.38
CA SER A 235 -20.70 -13.80 4.38
C SER A 235 -20.68 -12.31 4.16
N LYS A 236 -21.72 -11.86 3.47
CA LYS A 236 -21.87 -10.48 3.07
C LYS A 236 -22.64 -9.73 4.13
N PHE A 237 -22.22 -8.50 4.43
CA PHE A 237 -23.00 -7.63 5.33
C PHE A 237 -22.95 -6.22 4.79
N SER A 238 -23.81 -5.36 5.34
CA SER A 238 -24.03 -4.03 4.76
C SER A 238 -23.62 -2.96 5.71
N VAL A 239 -22.94 -1.95 5.18
CA VAL A 239 -22.62 -0.78 5.98
C VAL A 239 -23.35 0.45 5.46
N TYR A 240 -23.93 1.19 6.42
CA TYR A 240 -24.87 2.26 6.13
C TYR A 240 -24.37 3.62 6.53
N ASP A 241 -23.30 3.64 7.33
CA ASP A 241 -22.91 4.85 7.96
C ASP A 241 -21.42 4.88 8.23
N VAL A 242 -20.85 6.07 8.21
CA VAL A 242 -19.41 6.18 8.45
C VAL A 242 -19.02 5.71 9.88
N SER A 243 -19.98 5.75 10.82
CA SER A 243 -19.65 5.62 12.25
C SER A 243 -18.90 4.30 12.50
N ILE A 244 -19.38 3.26 11.86
CA ILE A 244 -18.87 1.96 12.03
C ILE A 244 -17.48 1.83 11.51
N LEU A 245 -17.08 2.73 10.62
CA LEU A 245 -15.85 2.49 9.95
C LEU A 245 -14.76 3.25 10.57
N ILE A 246 -15.10 4.11 11.50
CA ILE A 246 -14.05 4.93 12.08
C ILE A 246 -12.88 4.08 12.62
N PRO A 247 -13.15 2.95 13.27
CA PRO A 247 -11.93 2.21 13.72
C PRO A 247 -11.31 1.27 12.66
N ILE A 248 -11.86 1.30 11.44
CA ILE A 248 -11.50 0.41 10.35
C ILE A 248 -10.67 1.08 9.27
N ILE A 249 -11.08 2.27 8.85
CA ILE A 249 -10.40 2.97 7.73
C ILE A 249 -9.69 4.18 8.21
N ALA A 250 -8.45 4.34 7.81
CA ALA A 250 -7.64 5.39 8.34
C ALA A 250 -7.38 6.62 7.44
N LEU A 251 -7.49 6.42 6.11
CA LEU A 251 -7.11 7.38 5.08
C LEU A 251 -8.09 7.16 3.90
N MET A 252 -8.53 8.23 3.23
CA MET A 252 -9.31 8.11 1.99
C MET A 252 -8.63 8.87 0.85
N VAL A 253 -8.81 8.33 -0.36
CA VAL A 253 -8.42 9.07 -1.56
C VAL A 253 -9.41 10.26 -1.72
N TYR A 254 -8.86 11.40 -2.06
CA TYR A 254 -9.59 12.66 -2.28
C TYR A 254 -10.69 12.48 -3.32
N ARG A 255 -11.87 12.91 -2.92
CA ARG A 255 -12.98 13.25 -3.80
C ARG A 255 -13.47 14.68 -3.41
N CYS A 256 -13.92 15.43 -4.39
CA CYS A 256 -14.41 16.79 -4.09
C CYS A 256 -15.53 16.71 -3.04
N ALA A 257 -15.67 17.77 -2.22
CA ALA A 257 -16.77 17.81 -1.21
C ALA A 257 -18.18 18.10 -1.86
N PRO A 258 -19.20 17.25 -1.56
CA PRO A 258 -20.40 17.28 -2.46
C PRO A 258 -20.88 18.69 -2.87
#